data_2RD7
#
_entry.id   2RD7
#
_cell.length_a   96.553
_cell.length_b   126.087
_cell.length_c   51.887
_cell.angle_alpha   90.00
_cell.angle_beta   90.00
_cell.angle_gamma   90.00
#
_symmetry.space_group_name_H-M   'P 21 21 2'
#
loop_
_entity.id
_entity.type
_entity.pdbx_description
1 polymer 'Complement component C8 alpha chain'
2 polymer 'Complement component C8 gamma chain'
3 non-polymer 'CHLORIDE ION'
4 water water
#
loop_
_entity_poly.entity_id
_entity_poly.type
_entity_poly.pdbx_seq_one_letter_code
_entity_poly.pdbx_strand_id
1 'polypeptide(L)'
;HHHHHHMVRAIDEDCSQYEPIPGSQKAALGYNILTQEDAQSVYDASYYGGQCETVYNGEWRELRYDSTCERLYYGDDEKY
FRKPYNFLKYHFEALADTGISSEFYDNANDLLSKVKKDKSDSFGVTIGIGPAGSPLLVGVGVSHSQDTSFLNELNKYNEK
KFIFTRIFTKVQTAHFKMRKDDIMLDEGMLQSLMELPDQYNYGMYAKFINDYGTHYITSGSMGGIYEYILVIDKAKMESL
GITSRDITTCFGGSLGIQYEDKINVGGGLSGDHCKKFGGGKTERARKAMAVEDIISRVRGGSSGWSGGLAQNRSTITYRS
WGRSLKYNPVVIDFEMQPIHEVLRHTSLGPLEAKRQNLRRALDQYLM
;
A
2 'polypeptide(L)'
;MAQKPQRPRRPASPISTIQPKANFDAQQFAGTWLLVAVGSACRFLQEQGHRAEATTLHVAPQGTAMAVSTFRKLDGICWQ
VRQLYGDTGVLGRFLLQARDARGAVHVVVAETDYQSFAVLYLERAGQLSVKLYARSLPVSDSVLSGFEQRVQEAHLTEDQ
IFYFPKYGFCEAADQFHVLDEVRR
;
C
#
# COMPACT_ATOMS: atom_id res chain seq x y z
N ASP A 14 -9.19 13.27 -27.67
CA ASP A 14 -7.72 13.20 -27.81
C ASP A 14 -7.16 12.16 -26.86
N CYS A 15 -5.88 12.29 -26.55
CA CYS A 15 -5.23 11.36 -25.63
C CYS A 15 -4.92 12.00 -24.27
N SER A 16 -5.00 13.33 -24.20
CA SER A 16 -4.63 14.12 -23.02
C SER A 16 -5.58 13.93 -21.82
N GLN A 17 -6.75 13.34 -22.07
CA GLN A 17 -7.73 13.05 -21.02
C GLN A 17 -7.26 12.09 -19.93
N TYR A 18 -6.22 11.32 -20.19
CA TYR A 18 -5.71 10.35 -19.20
C TYR A 18 -4.70 11.07 -18.30
N GLU A 19 -4.66 10.73 -17.01
CA GLU A 19 -3.55 11.21 -16.18
C GLU A 19 -2.21 10.61 -16.65
N PRO A 20 -1.12 11.34 -16.49
CA PRO A 20 0.11 10.64 -16.77
C PRO A 20 0.37 9.50 -15.81
N ILE A 21 1.15 8.55 -16.27
N ILE A 21 1.17 8.53 -16.25
CA ILE A 21 1.72 7.52 -15.43
CA ILE A 21 1.67 7.45 -15.39
C ILE A 21 2.23 8.12 -14.09
C ILE A 21 2.29 7.99 -14.11
N PRO A 22 1.74 7.61 -12.94
CA PRO A 22 2.21 8.18 -11.68
C PRO A 22 3.72 8.17 -11.43
N GLY A 23 4.23 9.29 -10.95
CA GLY A 23 5.65 9.44 -10.68
C GLY A 23 6.50 9.85 -11.87
N SER A 24 5.90 10.09 -13.03
CA SER A 24 6.73 10.32 -14.24
C SER A 24 7.67 11.53 -14.09
N GLN A 25 7.17 12.57 -13.43
CA GLN A 25 7.95 13.77 -13.10
C GLN A 25 9.16 13.53 -12.23
N LYS A 26 9.07 12.54 -11.33
CA LYS A 26 10.11 12.19 -10.43
C LYS A 26 11.17 11.33 -11.08
N ALA A 27 10.76 10.44 -11.97
CA ALA A 27 11.70 9.60 -12.67
C ALA A 27 12.54 10.39 -13.68
N ALA A 28 12.01 11.54 -14.12
CA ALA A 28 12.67 12.45 -15.01
C ALA A 28 13.80 13.24 -14.38
N LEU A 29 13.90 13.27 -13.05
CA LEU A 29 14.87 14.08 -12.35
C LEU A 29 16.23 13.38 -12.33
N GLY A 30 17.34 14.18 -12.41
CA GLY A 30 18.68 13.71 -12.14
C GLY A 30 18.88 13.45 -10.63
N TYR A 31 19.94 12.75 -10.29
CA TYR A 31 20.24 12.44 -8.91
C TYR A 31 21.70 12.78 -8.66
N ASN A 32 21.95 13.38 -7.50
CA ASN A 32 23.29 13.60 -7.01
C ASN A 32 23.64 12.60 -5.89
N ILE A 33 24.57 11.70 -6.21
CA ILE A 33 24.95 10.69 -5.26
C ILE A 33 25.75 11.22 -4.12
N LEU A 34 26.42 12.37 -4.28
CA LEU A 34 27.17 12.95 -3.16
C LEU A 34 26.24 13.60 -2.17
N THR A 35 25.22 14.28 -2.68
CA THR A 35 24.29 14.95 -1.75
C THR A 35 23.08 14.09 -1.43
N GLN A 36 22.94 12.97 -2.15
CA GLN A 36 21.80 12.08 -2.07
C GLN A 36 20.51 12.86 -2.16
N GLU A 37 20.49 13.84 -3.03
CA GLU A 37 19.24 14.47 -3.37
C GLU A 37 19.06 14.59 -4.85
N ASP A 38 17.82 14.88 -5.22
CA ASP A 38 17.41 15.02 -6.62
C ASP A 38 17.99 16.34 -7.21
N ALA A 39 18.14 16.36 -8.52
CA ALA A 39 18.46 17.58 -9.33
C ALA A 39 17.29 17.92 -10.25
N GLN A 40 17.51 18.88 -11.15
CA GLN A 40 16.47 19.30 -12.03
C GLN A 40 16.20 18.21 -13.05
N SER A 41 15.16 18.37 -13.84
CA SER A 41 14.82 17.35 -14.79
C SER A 41 15.89 17.18 -15.84
N VAL A 42 16.13 15.92 -16.16
CA VAL A 42 16.99 15.50 -17.23
C VAL A 42 16.10 15.15 -18.43
N TYR A 43 15.18 14.20 -18.22
CA TYR A 43 14.27 13.83 -19.24
C TYR A 43 13.16 14.83 -19.26
N ASP A 44 12.62 15.12 -20.46
CA ASP A 44 11.32 15.79 -20.60
C ASP A 44 10.17 14.84 -20.18
N ALA A 45 9.50 15.12 -19.07
CA ALA A 45 8.47 14.21 -18.48
C ALA A 45 7.12 14.34 -19.18
N SER A 46 6.96 15.45 -19.90
CA SER A 46 5.70 15.91 -20.50
C SER A 46 5.64 15.80 -22.03
N TYR A 47 6.68 15.25 -22.59
CA TYR A 47 6.80 15.06 -23.99
C TYR A 47 6.19 13.76 -24.43
N TYR A 48 5.30 13.87 -25.42
CA TYR A 48 4.53 12.76 -25.99
C TYR A 48 4.89 12.52 -27.48
N GLY A 49 5.34 13.55 -28.20
CA GLY A 49 5.96 13.31 -29.49
C GLY A 49 5.04 12.77 -30.59
N GLY A 50 3.73 13.00 -30.48
CA GLY A 50 2.77 12.66 -31.56
C GLY A 50 2.10 11.29 -31.44
N GLN A 51 2.34 10.63 -30.31
CA GLN A 51 2.05 9.23 -30.12
C GLN A 51 1.25 9.13 -28.83
N CYS A 52 0.22 8.29 -28.83
CA CYS A 52 -0.62 8.08 -27.67
C CYS A 52 -0.45 6.65 -27.15
N GLU A 53 0.49 6.46 -26.25
CA GLU A 53 0.67 5.19 -25.61
C GLU A 53 0.08 5.28 -24.20
N THR A 54 -0.71 4.27 -23.81
CA THR A 54 -1.35 4.22 -22.48
C THR A 54 -1.06 2.89 -21.79
N VAL A 55 -1.29 2.89 -20.49
CA VAL A 55 -1.00 1.76 -19.67
C VAL A 55 -2.27 1.43 -18.87
N TYR A 56 -2.77 0.19 -19.02
CA TYR A 56 -3.97 -0.32 -18.33
C TYR A 56 -3.59 -0.51 -16.92
N ASN A 57 -4.36 0.04 -15.99
CA ASN A 57 -4.18 -0.30 -14.60
C ASN A 57 -5.45 -1.03 -14.10
N GLY A 58 -5.29 -2.35 -13.94
CA GLY A 58 -6.31 -3.20 -13.35
C GLY A 58 -5.79 -3.79 -12.06
N GLU A 59 -5.04 -2.96 -11.31
CA GLU A 59 -4.54 -3.28 -9.95
C GLU A 59 -5.25 -2.46 -8.88
N TRP A 60 -6.06 -1.45 -9.26
CA TRP A 60 -6.66 -0.54 -8.27
C TRP A 60 -8.18 -0.35 -8.41
N ARG A 61 -8.93 -1.40 -8.78
CA ARG A 61 -10.42 -1.31 -8.96
C ARG A 61 -11.26 -1.53 -7.68
N GLU A 62 -12.50 -1.04 -7.73
CA GLU A 62 -13.48 -1.28 -6.66
C GLU A 62 -14.07 -2.68 -6.77
N LEU A 63 -13.62 -3.55 -5.87
CA LEU A 63 -14.23 -4.84 -5.69
C LEU A 63 -15.64 -4.69 -5.15
N ARG A 64 -16.53 -5.53 -5.67
CA ARG A 64 -17.88 -5.67 -5.13
C ARG A 64 -18.11 -7.03 -4.44
N TYR A 65 -19.00 -7.02 -3.44
CA TYR A 65 -19.43 -8.23 -2.76
C TYR A 65 -20.92 -8.33 -2.73
N ASP A 66 -21.45 -9.33 -3.41
CA ASP A 66 -22.87 -9.75 -3.31
C ASP A 66 -23.07 -10.84 -2.21
N SER A 67 -23.40 -10.43 -0.98
CA SER A 67 -23.42 -11.38 0.17
C SER A 67 -24.47 -12.51 0.00
N THR A 68 -25.53 -12.20 -0.71
CA THR A 68 -26.59 -13.14 -0.97
C THR A 68 -26.17 -14.39 -1.76
N CYS A 69 -25.34 -14.16 -2.77
CA CYS A 69 -24.81 -15.21 -3.64
C CYS A 69 -23.36 -15.46 -3.40
N GLU A 70 -22.79 -14.83 -2.39
CA GLU A 70 -21.42 -15.10 -2.02
C GLU A 70 -20.51 -14.81 -3.22
N ARG A 71 -20.72 -13.66 -3.84
CA ARG A 71 -20.02 -13.29 -5.07
C ARG A 71 -19.19 -12.08 -4.81
N LEU A 72 -17.89 -12.26 -4.96
CA LEU A 72 -16.90 -11.20 -4.75
C LEU A 72 -16.33 -10.89 -6.11
N TYR A 73 -16.69 -9.75 -6.69
CA TYR A 73 -16.42 -9.55 -8.12
C TYR A 73 -15.90 -8.15 -8.48
N TYR A 74 -15.61 -7.97 -9.76
CA TYR A 74 -14.94 -6.74 -10.15
C TYR A 74 -15.75 -5.66 -10.79
N GLY A 75 -15.38 -4.45 -10.38
CA GLY A 75 -15.86 -3.22 -10.99
C GLY A 75 -15.14 -2.97 -12.30
N ASP A 76 -15.91 -2.54 -13.30
CA ASP A 76 -15.37 -2.12 -14.59
C ASP A 76 -14.80 -0.67 -14.54
N ASP A 77 -14.09 -0.37 -13.46
CA ASP A 77 -13.53 0.97 -13.24
C ASP A 77 -12.00 0.90 -13.38
N GLU A 78 -11.57 0.12 -14.37
CA GLU A 78 -10.15 -0.03 -14.80
C GLU A 78 -9.66 1.17 -15.62
N LYS A 79 -8.53 1.71 -15.22
CA LYS A 79 -8.12 3.01 -15.68
C LYS A 79 -6.96 2.89 -16.69
N TYR A 80 -6.85 3.91 -17.54
CA TYR A 80 -5.70 4.10 -18.41
C TYR A 80 -4.97 5.36 -18.03
N PHE A 81 -3.66 5.23 -18.12
CA PHE A 81 -2.72 6.26 -17.82
C PHE A 81 -1.92 6.46 -19.09
N ARG A 82 -1.50 7.69 -19.31
CA ARG A 82 -0.77 7.98 -20.51
C ARG A 82 0.69 7.84 -20.18
N LYS A 83 1.41 7.13 -21.03
CA LYS A 83 2.86 6.93 -20.89
C LYS A 83 3.63 7.93 -21.77
N PRO A 84 4.40 8.84 -21.14
CA PRO A 84 5.17 9.77 -21.99
C PRO A 84 6.29 9.13 -22.79
N TYR A 85 6.69 9.79 -23.86
CA TYR A 85 7.69 9.28 -24.79
C TYR A 85 9.00 8.75 -24.16
N ASN A 86 9.53 9.40 -23.11
CA ASN A 86 10.75 8.94 -22.49
C ASN A 86 10.66 7.70 -21.62
N PHE A 87 9.48 7.16 -21.43
CA PHE A 87 9.27 5.89 -20.67
C PHE A 87 9.07 4.83 -21.70
N LEU A 88 10.01 3.94 -21.81
CA LEU A 88 9.90 2.75 -22.64
C LEU A 88 8.82 1.83 -22.10
N LYS A 89 8.88 1.53 -20.81
CA LYS A 89 7.80 0.78 -20.14
C LYS A 89 7.42 1.21 -18.75
N TYR A 90 6.18 0.89 -18.42
CA TYR A 90 5.68 1.10 -17.07
C TYR A 90 4.60 0.06 -16.71
N HIS A 91 4.81 -0.62 -15.61
CA HIS A 91 3.93 -1.69 -15.19
C HIS A 91 3.49 -1.45 -13.76
N PHE A 92 2.20 -1.36 -13.55
CA PHE A 92 1.64 -1.19 -12.23
C PHE A 92 1.72 -2.51 -11.52
N GLU A 93 2.17 -2.49 -10.27
N GLU A 93 2.21 -2.55 -10.28
CA GLU A 93 2.22 -3.73 -9.49
CA GLU A 93 2.29 -3.84 -9.60
C GLU A 93 0.93 -4.02 -8.71
C GLU A 93 1.20 -4.03 -8.51
N ALA A 94 0.75 -5.29 -8.33
CA ALA A 94 -0.25 -5.64 -7.32
C ALA A 94 0.18 -5.06 -5.96
N LEU A 95 -0.63 -4.22 -5.36
CA LEU A 95 -0.37 -3.74 -4.01
C LEU A 95 -0.44 -4.86 -2.99
N ALA A 96 0.55 -4.89 -2.10
CA ALA A 96 0.62 -5.83 -1.02
C ALA A 96 1.39 -5.25 0.17
N ASP A 97 0.97 -5.63 1.36
CA ASP A 97 1.71 -5.42 2.59
C ASP A 97 2.89 -6.37 2.61
N THR A 98 4.07 -5.79 2.80
CA THR A 98 5.35 -6.48 2.68
C THR A 98 5.93 -6.82 4.04
N GLY A 99 5.15 -6.60 5.08
CA GLY A 99 5.61 -6.79 6.45
C GLY A 99 6.16 -5.50 7.08
N ILE A 100 5.71 -5.21 8.28
CA ILE A 100 6.11 -4.02 9.02
C ILE A 100 7.12 -4.40 10.12
N SER A 101 8.28 -3.77 10.06
CA SER A 101 9.39 -4.09 10.96
C SER A 101 9.32 -3.15 12.14
N SER A 102 9.64 -3.66 13.33
CA SER A 102 9.81 -2.85 14.53
C SER A 102 11.19 -3.06 15.10
N GLU A 103 11.92 -1.98 15.37
CA GLU A 103 13.25 -2.04 15.98
C GLU A 103 13.30 -1.15 17.19
N PHE A 104 14.18 -1.50 18.10
CA PHE A 104 14.31 -0.79 19.35
C PHE A 104 15.77 -0.49 19.55
N TYR A 105 16.08 0.74 19.95
CA TYR A 105 17.45 1.19 20.19
C TYR A 105 17.60 1.90 21.54
N ASP A 106 18.66 1.54 22.26
CA ASP A 106 18.97 2.13 23.56
C ASP A 106 19.46 3.56 23.42
N ASN A 107 20.04 3.88 22.27
CA ASN A 107 20.55 5.22 22.10
C ASN A 107 20.49 5.65 20.68
N ALA A 108 20.60 6.96 20.49
CA ALA A 108 20.49 7.60 19.20
C ALA A 108 21.50 7.00 18.23
N ASN A 109 22.74 6.85 18.66
CA ASN A 109 23.82 6.38 17.80
C ASN A 109 23.56 5.02 17.19
N ASP A 110 23.04 4.10 18.00
CA ASP A 110 22.70 2.76 17.52
C ASP A 110 21.55 2.77 16.50
N LEU A 111 20.62 3.70 16.65
CA LEU A 111 19.66 4.00 15.59
C LEU A 111 20.36 4.62 14.34
N LEU A 112 21.04 5.75 14.54
CA LEU A 112 21.82 6.42 13.46
C LEU A 112 22.68 5.43 12.72
N SER A 113 23.31 4.54 13.48
CA SER A 113 24.19 3.51 12.96
C SER A 113 23.48 2.55 12.01
N LYS A 114 22.34 2.02 12.45
CA LYS A 114 21.52 1.11 11.64
C LYS A 114 20.97 1.86 10.40
N VAL A 115 20.72 3.15 10.58
CA VAL A 115 20.28 4.04 9.50
C VAL A 115 21.36 4.17 8.41
N LYS A 116 22.53 4.66 8.79
CA LYS A 116 23.65 4.88 7.85
C LYS A 116 24.18 3.57 7.28
N LYS A 117 24.16 2.50 8.09
CA LYS A 117 24.39 1.15 7.58
C LYS A 117 23.40 0.77 6.50
N ASP A 118 22.15 1.24 6.65
CA ASP A 118 21.10 1.02 5.64
C ASP A 118 21.31 1.92 4.39
N LYS A 119 22.09 3.00 4.52
CA LYS A 119 22.64 3.78 3.35
C LYS A 119 23.82 3.08 2.63
N SER A 120 24.36 2.01 3.20
CA SER A 120 25.31 1.12 2.51
C SER A 120 24.63 -0.14 1.97
N ASP A 121 23.52 -0.52 2.61
CA ASP A 121 22.59 -1.49 2.05
C ASP A 121 21.89 -0.82 0.88
N SER A 122 21.89 0.51 0.92
CA SER A 122 21.08 1.33 0.02
C SER A 122 21.59 1.31 -1.42
N PHE A 123 22.90 1.06 -1.64
N PHE A 123 22.83 0.84 -1.60
CA PHE A 123 23.47 1.13 -3.01
CA PHE A 123 23.57 0.96 -2.84
C PHE A 123 24.28 -0.10 -3.46
C PHE A 123 24.20 -0.32 -3.38
N GLY A 124 23.96 -0.62 -4.65
CA GLY A 124 24.73 -1.66 -5.38
C GLY A 124 25.31 -1.12 -6.71
N VAL A 125 26.08 -1.94 -7.43
CA VAL A 125 26.76 -1.54 -8.70
C VAL A 125 26.98 -2.71 -9.62
N THR A 126 26.64 -2.57 -10.88
CA THR A 126 27.26 -3.37 -11.93
C THR A 126 27.91 -2.42 -12.95
N ILE A 127 28.65 -2.99 -13.89
CA ILE A 127 29.36 -2.19 -14.91
C ILE A 127 29.02 -2.79 -16.26
N GLY A 128 28.57 -1.94 -17.18
CA GLY A 128 28.23 -2.36 -18.52
C GLY A 128 29.42 -2.96 -19.26
N ILE A 129 29.12 -3.65 -20.37
CA ILE A 129 30.13 -4.40 -21.13
C ILE A 129 30.72 -3.53 -22.25
N GLY A 133 32.45 1.81 -21.06
CA GLY A 133 31.71 0.75 -20.32
C GLY A 133 31.07 1.22 -18.99
N SER A 134 29.79 1.58 -19.03
CA SER A 134 29.15 2.44 -18.02
C SER A 134 28.76 1.75 -16.70
N PRO A 135 29.16 2.36 -15.59
CA PRO A 135 28.68 1.94 -14.30
C PRO A 135 27.15 1.98 -14.30
N LEU A 136 26.54 1.02 -13.63
CA LEU A 136 25.10 1.11 -13.41
C LEU A 136 24.93 1.01 -11.92
N LEU A 137 24.45 2.11 -11.35
CA LEU A 137 24.33 2.21 -9.93
C LEU A 137 22.89 1.90 -9.61
N VAL A 138 22.73 1.29 -8.44
CA VAL A 138 21.50 0.64 -8.07
C VAL A 138 21.17 1.13 -6.66
N GLY A 139 20.15 1.95 -6.59
CA GLY A 139 19.66 2.42 -5.34
C GLY A 139 18.46 1.55 -5.00
N VAL A 140 18.40 1.12 -3.74
CA VAL A 140 17.27 0.33 -3.24
C VAL A 140 16.82 1.02 -1.99
N GLY A 141 15.55 1.41 -1.91
CA GLY A 141 15.03 2.08 -0.70
C GLY A 141 15.50 3.51 -0.60
N VAL A 142 15.54 4.17 -1.74
CA VAL A 142 16.19 5.47 -1.83
C VAL A 142 15.20 6.61 -1.55
N SER A 143 15.64 7.52 -0.70
CA SER A 143 14.77 8.53 -0.08
C SER A 143 14.74 9.94 -0.73
N HIS A 144 15.77 10.28 -1.54
CA HIS A 144 15.79 11.51 -2.35
C HIS A 144 15.90 12.87 -1.59
N SER A 145 16.36 12.78 -0.33
CA SER A 145 16.57 13.90 0.61
C SER A 145 17.87 13.62 1.37
N GLN A 146 18.54 14.66 1.87
CA GLN A 146 19.73 14.46 2.71
C GLN A 146 19.41 14.00 4.17
N ASP A 147 18.14 14.03 4.56
CA ASP A 147 17.72 13.67 5.92
C ASP A 147 18.33 14.63 6.96
N THR A 148 18.48 15.88 6.57
CA THR A 148 19.11 16.89 7.40
C THR A 148 18.20 17.32 8.56
N SER A 149 16.91 17.44 8.24
CA SER A 149 15.85 17.59 9.22
C SER A 149 15.89 16.47 10.24
N PHE A 150 15.81 15.24 9.74
CA PHE A 150 15.71 14.06 10.58
C PHE A 150 16.97 13.99 11.48
N LEU A 151 18.15 14.15 10.90
CA LEU A 151 19.40 14.08 11.67
C LEU A 151 19.48 15.13 12.78
N ASN A 152 19.03 16.35 12.48
CA ASN A 152 19.04 17.44 13.47
C ASN A 152 17.94 17.33 14.51
N GLU A 153 16.81 16.77 14.13
CA GLU A 153 15.74 16.47 15.06
C GLU A 153 16.23 15.42 16.07
N LEU A 154 16.88 14.38 15.57
CA LEU A 154 17.32 13.27 16.41
C LEU A 154 18.45 13.70 17.30
N ASN A 155 19.26 14.62 16.82
CA ASN A 155 20.36 15.05 17.62
C ASN A 155 19.98 15.90 18.83
N LYS A 156 18.77 16.47 18.83
CA LYS A 156 18.18 16.97 20.07
C LYS A 156 18.06 15.90 21.16
N TYR A 157 18.01 14.63 20.78
CA TYR A 157 17.63 13.53 21.71
C TYR A 157 18.78 12.53 21.90
N ASN A 158 20.00 12.90 21.49
CA ASN A 158 21.14 12.08 21.85
C ASN A 158 21.52 12.35 23.30
N GLU A 159 20.79 11.73 24.19
CA GLU A 159 21.09 11.79 25.60
C GLU A 159 20.71 10.44 26.14
N LYS A 160 21.40 10.05 27.20
CA LYS A 160 21.11 8.80 27.92
C LYS A 160 19.64 8.72 28.40
N LYS A 161 19.04 9.88 28.61
CA LYS A 161 17.63 10.01 28.99
C LYS A 161 16.63 9.42 27.95
N PHE A 162 17.05 9.23 26.71
CA PHE A 162 16.10 8.86 25.69
C PHE A 162 16.41 7.52 25.11
N ILE A 163 15.35 6.81 24.74
CA ILE A 163 15.42 5.60 23.92
C ILE A 163 14.51 5.75 22.69
N PHE A 164 14.69 4.85 21.74
CA PHE A 164 14.10 5.01 20.42
C PHE A 164 13.46 3.75 19.91
N THR A 165 12.35 3.90 19.20
CA THR A 165 11.79 2.81 18.45
C THR A 165 11.52 3.29 17.02
N ARG A 166 11.34 2.35 16.15
CA ARG A 166 11.27 2.62 14.72
C ARG A 166 10.42 1.58 14.12
N ILE A 167 9.36 1.98 13.42
CA ILE A 167 8.64 1.09 12.54
C ILE A 167 8.92 1.50 11.09
N PHE A 168 9.09 0.49 10.24
CA PHE A 168 9.47 0.68 8.84
C PHE A 168 8.77 -0.35 7.95
N THR A 169 8.26 0.15 6.83
CA THR A 169 7.93 -0.65 5.69
C THR A 169 8.05 0.07 4.37
N LYS A 170 7.94 -0.71 3.30
CA LYS A 170 8.25 -0.27 1.95
C LYS A 170 7.26 -0.94 1.03
N VAL A 171 6.69 -0.16 0.12
CA VAL A 171 5.76 -0.75 -0.93
C VAL A 171 6.08 -0.21 -2.30
N GLN A 172 6.14 -1.08 -3.31
CA GLN A 172 6.27 -0.72 -4.69
C GLN A 172 4.94 -0.76 -5.45
N THR A 173 4.67 0.31 -6.20
CA THR A 173 3.46 0.45 -6.95
C THR A 173 3.61 0.20 -8.44
N ALA A 174 4.84 0.22 -8.94
CA ALA A 174 5.15 0.11 -10.35
C ALA A 174 6.63 -0.11 -10.59
N HIS A 175 6.96 -0.65 -11.73
CA HIS A 175 8.31 -0.78 -12.25
C HIS A 175 8.27 -0.09 -13.61
N PHE A 176 9.35 0.64 -13.90
CA PHE A 176 9.45 1.35 -15.19
C PHE A 176 10.83 1.23 -15.80
N LYS A 177 10.86 1.40 -17.10
CA LYS A 177 12.13 1.48 -17.84
C LYS A 177 12.10 2.76 -18.64
N MET A 178 13.22 3.48 -18.66
CA MET A 178 13.32 4.70 -19.53
C MET A 178 13.75 4.31 -20.91
N ARG A 179 13.48 5.20 -21.84
CA ARG A 179 13.93 4.90 -23.16
C ARG A 179 15.43 5.05 -23.26
N LYS A 180 15.99 4.21 -24.10
CA LYS A 180 17.43 4.06 -24.27
C LYS A 180 18.03 4.90 -25.40
N ASP A 181 17.20 5.48 -26.25
CA ASP A 181 17.72 6.17 -27.42
C ASP A 181 16.64 7.10 -27.95
N ASP A 182 17.09 8.13 -28.63
CA ASP A 182 16.31 9.28 -29.02
C ASP A 182 15.59 9.93 -27.86
N ILE A 183 16.30 10.05 -26.75
CA ILE A 183 15.78 10.68 -25.55
C ILE A 183 15.52 12.20 -25.83
N MET A 184 14.39 12.69 -25.31
CA MET A 184 14.08 14.09 -25.37
C MET A 184 14.40 14.68 -24.02
N LEU A 185 15.49 15.48 -23.92
CA LEU A 185 15.82 16.18 -22.68
C LEU A 185 14.86 17.30 -22.35
N ASP A 186 14.75 17.64 -21.04
N ASP A 186 14.78 17.66 -21.07
CA ASP A 186 14.05 18.82 -20.50
CA ASP A 186 13.96 18.76 -20.63
C ASP A 186 14.60 20.09 -21.20
C ASP A 186 14.56 20.07 -21.18
N GLU A 187 13.71 20.98 -21.62
CA GLU A 187 14.12 22.30 -22.17
C GLU A 187 15.14 23.04 -21.30
N GLY A 188 15.00 22.95 -19.98
CA GLY A 188 15.99 23.55 -19.08
C GLY A 188 17.38 23.02 -19.37
N MET A 189 17.54 21.70 -19.28
CA MET A 189 18.82 21.05 -19.48
C MET A 189 19.40 21.29 -20.84
N LEU A 190 18.54 21.35 -21.86
CA LEU A 190 18.99 21.57 -23.24
C LEU A 190 19.65 22.93 -23.36
N GLN A 191 19.03 23.92 -22.73
CA GLN A 191 19.50 25.29 -22.82
C GLN A 191 20.82 25.39 -22.09
N SER A 192 20.88 24.78 -20.89
CA SER A 192 22.13 24.70 -20.16
C SER A 192 23.26 24.05 -20.95
N LEU A 193 22.90 23.00 -21.66
CA LEU A 193 23.85 22.23 -22.43
C LEU A 193 24.39 23.05 -23.58
N MET A 194 23.50 23.76 -24.27
CA MET A 194 23.83 24.67 -25.36
C MET A 194 24.83 25.71 -24.86
N GLU A 195 24.62 26.18 -23.63
CA GLU A 195 25.43 27.21 -23.00
C GLU A 195 26.78 26.74 -22.42
N LEU A 196 27.04 25.44 -22.40
CA LEU A 196 28.30 24.97 -21.90
C LEU A 196 29.35 25.26 -22.94
N PRO A 197 30.53 25.67 -22.49
CA PRO A 197 31.63 25.94 -23.44
C PRO A 197 32.22 24.66 -23.96
N ASP A 198 32.64 24.72 -25.22
CA ASP A 198 33.34 23.62 -25.88
C ASP A 198 34.74 23.45 -25.28
N GLN A 199 35.34 24.56 -24.87
N GLN A 199 35.40 24.55 -24.95
CA GLN A 199 36.57 24.57 -24.09
CA GLN A 199 36.60 24.48 -24.13
C GLN A 199 36.33 24.14 -22.63
C GLN A 199 36.16 23.96 -22.75
N TYR A 200 36.93 23.03 -22.23
CA TYR A 200 36.73 22.53 -20.87
C TYR A 200 36.91 23.64 -19.82
N ASN A 201 35.94 23.65 -18.92
CA ASN A 201 35.99 24.52 -17.77
C ASN A 201 35.30 23.84 -16.59
N TYR A 202 36.07 23.45 -15.57
CA TYR A 202 35.51 22.69 -14.43
C TYR A 202 34.35 23.42 -13.74
N GLY A 203 34.51 24.70 -13.48
CA GLY A 203 33.45 25.53 -12.88
C GLY A 203 32.08 25.43 -13.55
N MET A 204 32.08 25.61 -14.87
CA MET A 204 30.88 25.59 -15.69
C MET A 204 30.29 24.20 -15.76
N TYR A 205 31.15 23.22 -15.94
CA TYR A 205 30.72 21.85 -15.95
C TYR A 205 30.29 21.39 -14.54
N ALA A 206 30.98 21.78 -13.48
CA ALA A 206 30.49 21.40 -12.12
C ALA A 206 29.13 21.98 -11.83
N LYS A 207 28.91 23.21 -12.28
CA LYS A 207 27.64 23.86 -12.13
C LYS A 207 26.51 23.04 -12.78
N PHE A 208 26.75 22.58 -14.01
CA PHE A 208 25.82 21.74 -14.74
C PHE A 208 25.50 20.45 -13.94
N ILE A 209 26.52 19.82 -13.36
CA ILE A 209 26.37 18.62 -12.52
C ILE A 209 25.55 18.94 -11.27
N ASN A 210 25.86 20.08 -10.63
CA ASN A 210 24.98 20.60 -9.57
C ASN A 210 23.59 20.89 -10.02
N ASP A 211 23.37 21.28 -11.26
CA ASP A 211 22.01 21.52 -11.67
C ASP A 211 21.29 20.26 -12.14
N TYR A 212 21.93 19.33 -12.86
CA TYR A 212 21.24 18.16 -13.42
C TYR A 212 21.53 16.80 -12.80
N GLY A 213 22.42 16.76 -11.83
CA GLY A 213 22.88 15.56 -11.19
C GLY A 213 24.17 15.00 -11.67
N THR A 214 24.67 14.07 -10.86
CA THR A 214 25.79 13.18 -11.19
C THR A 214 25.31 12.01 -12.01
N HIS A 215 24.01 11.71 -11.96
CA HIS A 215 23.44 10.47 -12.54
C HIS A 215 22.04 10.77 -12.95
N TYR A 216 21.52 9.96 -13.85
CA TYR A 216 20.12 10.01 -14.30
C TYR A 216 19.60 8.55 -14.30
N ILE A 217 18.28 8.38 -14.18
CA ILE A 217 17.60 7.10 -13.98
C ILE A 217 17.34 6.45 -15.29
N THR A 218 17.71 5.18 -15.40
CA THR A 218 17.43 4.42 -16.54
C THR A 218 16.29 3.40 -16.26
N SER A 219 16.07 3.06 -15.00
CA SER A 219 14.91 2.23 -14.65
C SER A 219 14.74 2.21 -13.20
N GLY A 220 13.64 1.66 -12.76
CA GLY A 220 13.36 1.70 -11.36
C GLY A 220 11.97 1.27 -11.02
N SER A 221 11.63 1.55 -9.81
CA SER A 221 10.35 1.19 -9.20
C SER A 221 9.76 2.41 -8.54
N MET A 222 8.48 2.66 -8.76
CA MET A 222 7.70 3.60 -7.99
C MET A 222 7.21 2.95 -6.67
N GLY A 223 7.00 3.76 -5.64
CA GLY A 223 6.37 3.28 -4.43
C GLY A 223 6.58 4.25 -3.32
N GLY A 224 6.67 3.70 -2.11
CA GLY A 224 6.89 4.49 -0.93
C GLY A 224 7.49 3.71 0.24
N ILE A 225 7.89 4.50 1.24
CA ILE A 225 8.40 4.02 2.50
C ILE A 225 7.54 4.63 3.56
N TYR A 226 7.00 3.77 4.43
CA TYR A 226 6.25 4.20 5.60
C TYR A 226 7.11 3.89 6.82
N GLU A 227 7.52 4.96 7.51
CA GLU A 227 8.47 4.87 8.57
C GLU A 227 8.31 5.99 9.61
N TYR A 228 8.38 5.58 10.89
CA TYR A 228 8.28 6.49 12.03
C TYR A 228 9.30 6.05 13.00
N ILE A 229 9.87 7.04 13.67
CA ILE A 229 10.75 6.87 14.80
C ILE A 229 10.04 7.48 15.99
N LEU A 230 10.07 6.78 17.13
CA LEU A 230 9.60 7.32 18.42
C LEU A 230 10.77 7.61 19.28
N VAL A 231 10.75 8.79 19.86
CA VAL A 231 11.67 9.11 20.92
C VAL A 231 10.95 9.05 22.24
N ILE A 232 11.56 8.34 23.19
CA ILE A 232 10.92 7.98 24.46
C ILE A 232 11.76 8.35 25.66
N ASP A 233 11.12 8.99 26.62
CA ASP A 233 11.73 9.32 27.90
C ASP A 233 11.65 8.03 28.76
N LYS A 234 12.78 7.37 28.87
CA LYS A 234 12.89 6.07 29.55
C LYS A 234 12.37 6.12 31.01
N ALA A 235 12.87 7.10 31.75
CA ALA A 235 12.48 7.29 33.12
C ALA A 235 10.99 7.44 33.27
N LYS A 236 10.40 8.27 32.43
CA LYS A 236 8.95 8.51 32.46
C LYS A 236 8.21 7.22 32.13
N MET A 237 8.67 6.50 31.13
CA MET A 237 8.08 5.25 30.71
C MET A 237 8.00 4.26 31.87
N GLU A 238 9.13 4.05 32.51
CA GLU A 238 9.18 3.20 33.73
C GLU A 238 8.10 3.57 34.77
N SER A 239 8.14 4.82 35.25
CA SER A 239 7.09 5.39 36.07
C SER A 239 5.67 4.99 35.66
N LEU A 240 5.39 5.11 34.40
CA LEU A 240 4.09 4.68 33.87
C LEU A 240 3.85 3.16 33.90
N GLY A 241 4.88 2.38 34.20
CA GLY A 241 4.75 0.94 34.28
C GLY A 241 4.56 0.30 32.92
N ILE A 242 4.98 0.99 31.86
CA ILE A 242 4.89 0.48 30.48
C ILE A 242 6.29 0.24 29.90
N THR A 243 6.32 -0.38 28.72
CA THR A 243 7.58 -0.65 28.02
C THR A 243 7.67 0.00 26.62
N SER A 244 8.84 -0.06 26.01
CA SER A 244 9.05 0.56 24.70
C SER A 244 8.22 -0.16 23.64
N ARG A 245 7.98 -1.45 23.85
CA ARG A 245 7.12 -2.21 22.93
C ARG A 245 5.63 -1.91 23.10
N ASP A 246 5.23 -1.77 24.35
CA ASP A 246 3.89 -1.30 24.70
C ASP A 246 3.62 -0.02 23.92
N ILE A 247 4.51 0.98 24.11
CA ILE A 247 4.40 2.25 23.39
C ILE A 247 4.31 2.07 21.90
N THR A 248 5.18 1.24 21.34
CA THR A 248 5.20 1.12 19.87
C THR A 248 3.93 0.44 19.35
N THR A 249 3.50 -0.59 20.07
CA THR A 249 2.29 -1.30 19.71
C THR A 249 1.09 -0.37 19.80
N CYS A 250 1.07 0.49 20.79
CA CYS A 250 -0.02 1.45 20.94
C CYS A 250 0.00 2.48 19.79
N PHE A 251 1.23 2.89 19.42
CA PHE A 251 1.44 3.82 18.33
C PHE A 251 1.04 3.15 17.02
N GLY A 252 1.58 1.97 16.79
CA GLY A 252 1.18 1.17 15.68
C GLY A 252 -0.33 1.11 15.49
N GLY A 253 -1.04 0.81 16.57
CA GLY A 253 -2.51 0.70 16.55
C GLY A 253 -3.18 2.00 16.18
N SER A 254 -2.60 3.10 16.62
CA SER A 254 -3.09 4.41 16.23
C SER A 254 -2.97 4.67 14.73
N LEU A 255 -2.05 3.98 14.06
CA LEU A 255 -1.85 4.08 12.60
C LEU A 255 -2.68 3.11 11.76
N GLY A 256 -3.49 2.33 12.44
CA GLY A 256 -4.28 1.30 11.80
C GLY A 256 -3.49 0.04 11.54
N ILE A 257 -2.34 -0.12 12.17
CA ILE A 257 -1.55 -1.32 11.94
C ILE A 257 -2.05 -2.46 12.84
N GLN A 258 -2.36 -3.58 12.21
CA GLN A 258 -3.00 -4.71 12.86
C GLN A 258 -1.90 -5.57 13.44
N TYR A 259 -2.15 -6.11 14.61
CA TYR A 259 -1.12 -6.83 15.36
C TYR A 259 -1.55 -8.27 15.64
N ASP A 272 -5.47 2.58 29.90
CA ASP A 272 -5.45 3.96 30.39
C ASP A 272 -4.47 4.79 29.55
N HIS A 273 -3.17 4.50 29.68
CA HIS A 273 -2.15 5.34 29.05
C HIS A 273 -2.29 5.33 27.54
N CYS A 274 -2.47 4.14 26.98
CA CYS A 274 -2.67 4.03 25.55
C CYS A 274 -3.93 4.80 25.13
N LYS A 275 -5.05 4.53 25.80
CA LYS A 275 -6.30 5.24 25.50
C LYS A 275 -6.05 6.75 25.52
N LYS A 276 -5.28 7.19 26.52
CA LYS A 276 -4.91 8.59 26.69
C LYS A 276 -3.96 9.04 25.56
N PHE A 277 -3.08 8.14 25.14
CA PHE A 277 -2.19 8.44 24.00
C PHE A 277 -3.00 8.77 22.73
N GLY A 278 -4.04 7.99 22.45
CA GLY A 278 -4.82 8.14 21.19
C GLY A 278 -3.98 8.04 19.93
N GLY A 279 -4.03 9.07 19.09
CA GLY A 279 -3.16 9.19 17.92
C GLY A 279 -1.88 9.96 18.19
N GLY A 280 -1.74 10.40 19.45
CA GLY A 280 -0.62 11.22 19.85
C GLY A 280 -0.63 12.52 19.07
N LYS A 281 -1.81 13.13 18.99
CA LYS A 281 -2.01 14.38 18.25
C LYS A 281 -1.50 15.60 19.04
N THR A 282 -1.62 15.52 20.36
CA THR A 282 -1.08 16.56 21.25
C THR A 282 0.18 16.10 22.00
N GLU A 283 0.90 17.04 22.64
CA GLU A 283 2.07 16.69 23.47
C GLU A 283 1.57 16.08 24.77
N ARG A 284 0.46 16.61 25.27
CA ARG A 284 -0.31 16.00 26.34
C ARG A 284 -0.52 14.50 26.14
N ALA A 285 -1.08 14.15 24.98
CA ALA A 285 -1.32 12.76 24.56
C ALA A 285 -0.03 11.94 24.48
N ARG A 286 0.95 12.47 23.79
CA ARG A 286 2.22 11.78 23.63
C ARG A 286 2.90 11.50 24.96
N LYS A 287 2.91 12.48 25.86
CA LYS A 287 3.50 12.32 27.18
C LYS A 287 2.76 11.31 28.07
N ALA A 288 1.51 10.97 27.74
CA ALA A 288 0.77 9.91 28.46
C ALA A 288 1.46 8.55 28.29
N MET A 289 2.17 8.41 27.16
CA MET A 289 2.97 7.22 26.96
C MET A 289 4.46 7.48 26.88
N ALA A 290 4.91 8.50 27.59
CA ALA A 290 6.34 8.85 27.66
C ALA A 290 6.96 9.18 26.33
N VAL A 291 6.16 9.46 25.30
CA VAL A 291 6.67 9.76 24.00
C VAL A 291 7.03 11.27 23.85
N GLU A 292 8.32 11.52 23.63
CA GLU A 292 8.83 12.89 23.52
C GLU A 292 8.71 13.43 22.12
N ASP A 293 8.82 12.56 21.12
CA ASP A 293 8.72 12.98 19.74
C ASP A 293 8.40 11.83 18.84
N ILE A 294 7.63 12.14 17.81
CA ILE A 294 7.29 11.24 16.76
C ILE A 294 7.92 11.85 15.50
N ILE A 295 8.91 11.16 14.98
CA ILE A 295 9.64 11.66 13.84
C ILE A 295 9.22 10.90 12.60
N SER A 296 8.69 11.62 11.61
CA SER A 296 8.26 10.96 10.39
C SER A 296 9.36 10.87 9.39
N ARG A 297 9.42 9.72 8.68
CA ARG A 297 10.30 9.50 7.57
C ARG A 297 9.55 8.82 6.49
N VAL A 298 8.28 9.14 6.39
CA VAL A 298 7.43 8.60 5.37
C VAL A 298 7.81 9.28 4.02
N ARG A 299 7.82 8.50 2.94
CA ARG A 299 8.23 8.98 1.58
C ARG A 299 7.27 8.42 0.60
N GLY A 300 6.73 9.29 -0.23
CA GLY A 300 5.70 8.89 -1.15
C GLY A 300 4.43 9.19 -0.41
N GLY A 301 3.36 9.39 -1.15
CA GLY A 301 2.05 9.58 -0.63
C GLY A 301 1.87 10.92 0.01
N SER A 302 1.83 10.90 1.36
CA SER A 302 1.65 12.12 2.17
C SER A 302 2.42 11.99 3.50
N SER A 314 1.22 16.20 12.53
CA SER A 314 0.44 14.96 12.63
C SER A 314 1.11 13.76 11.92
N THR A 315 0.40 12.63 11.91
CA THR A 315 0.88 11.37 11.35
C THR A 315 -0.17 10.94 10.35
N ILE A 316 0.20 10.06 9.42
CA ILE A 316 -0.78 9.56 8.46
C ILE A 316 -0.98 8.08 8.73
N THR A 317 -2.22 7.61 8.61
CA THR A 317 -2.54 6.18 8.85
C THR A 317 -1.99 5.29 7.76
N TYR A 318 -1.70 4.05 8.10
CA TYR A 318 -1.08 3.17 7.16
C TYR A 318 -1.92 3.07 5.88
N ARG A 319 -3.23 2.93 6.05
CA ARG A 319 -4.15 2.67 4.96
C ARG A 319 -4.32 3.97 4.10
N SER A 320 -4.34 5.10 4.77
CA SER A 320 -4.43 6.38 4.12
C SER A 320 -3.13 6.69 3.33
N TRP A 321 -1.99 6.39 3.91
CA TRP A 321 -0.75 6.41 3.15
C TRP A 321 -0.79 5.46 1.92
N GLY A 322 -1.27 4.24 2.08
CA GLY A 322 -1.32 3.29 0.98
C GLY A 322 -2.18 3.78 -0.15
N ARG A 323 -3.35 4.34 0.17
CA ARG A 323 -4.18 4.99 -0.83
C ARG A 323 -3.44 6.09 -1.61
N SER A 324 -2.68 6.91 -0.91
CA SER A 324 -2.13 8.12 -1.48
C SER A 324 -0.93 7.80 -2.38
N LEU A 325 -0.58 6.52 -2.39
CA LEU A 325 0.53 6.02 -3.15
C LEU A 325 0.03 5.65 -4.52
N LYS A 326 -1.29 5.60 -4.72
CA LYS A 326 -1.80 5.35 -6.05
C LYS A 326 -1.39 6.54 -6.94
N TYR A 327 -1.62 7.75 -6.45
CA TYR A 327 -1.42 8.90 -7.29
C TYR A 327 -0.12 9.63 -7.01
N ASN A 328 0.57 9.35 -5.90
CA ASN A 328 1.76 10.14 -5.61
C ASN A 328 2.96 9.39 -5.05
N PRO A 329 3.54 8.49 -5.84
CA PRO A 329 4.77 7.78 -5.46
C PRO A 329 6.09 8.54 -5.58
N VAL A 330 7.13 7.95 -5.03
CA VAL A 330 8.47 8.37 -5.32
C VAL A 330 9.14 7.20 -5.99
N VAL A 331 10.31 7.48 -6.54
CA VAL A 331 11.15 6.48 -7.18
C VAL A 331 11.94 5.82 -6.10
N ILE A 332 11.44 4.69 -5.63
N ILE A 332 11.39 4.76 -5.52
CA ILE A 332 11.90 4.18 -4.37
CA ILE A 332 11.95 4.21 -4.29
C ILE A 332 13.17 3.34 -4.53
C ILE A 332 13.20 3.36 -4.53
N ASP A 333 13.32 2.79 -5.72
CA ASP A 333 14.45 1.99 -6.10
C ASP A 333 14.71 2.40 -7.52
N PHE A 334 15.98 2.50 -7.91
CA PHE A 334 16.27 2.77 -9.34
C PHE A 334 17.64 2.32 -9.81
N GLU A 335 17.77 2.04 -11.10
CA GLU A 335 19.09 2.02 -11.75
C GLU A 335 19.44 3.39 -12.35
N MET A 336 20.69 3.75 -12.28
CA MET A 336 21.12 5.02 -12.79
C MET A 336 22.49 4.95 -13.50
N GLN A 337 22.70 5.91 -14.37
CA GLN A 337 23.97 5.99 -15.09
C GLN A 337 24.53 7.39 -14.94
N PRO A 338 25.86 7.56 -15.15
CA PRO A 338 26.47 8.90 -15.06
C PRO A 338 25.82 9.90 -16.04
N ILE A 339 25.59 11.11 -15.56
CA ILE A 339 24.92 12.14 -16.28
C ILE A 339 25.38 12.22 -17.70
N HIS A 340 26.69 12.10 -17.93
CA HIS A 340 27.22 12.32 -19.31
C HIS A 340 26.76 11.25 -20.28
N GLU A 341 26.33 10.10 -19.75
CA GLU A 341 25.84 9.01 -20.60
C GLU A 341 24.63 9.32 -21.37
N VAL A 342 23.80 10.20 -20.85
CA VAL A 342 22.56 10.47 -21.56
C VAL A 342 22.79 11.19 -22.89
N LEU A 343 23.88 11.97 -22.96
CA LEU A 343 24.30 12.72 -24.16
C LEU A 343 24.66 11.78 -25.29
N ARG A 344 24.99 10.54 -24.94
CA ARG A 344 25.16 9.49 -25.91
C ARG A 344 23.84 8.99 -26.53
N HIS A 345 22.68 9.40 -26.00
CA HIS A 345 21.42 8.76 -26.41
C HIS A 345 20.28 9.73 -26.70
N THR A 346 20.61 11.00 -26.91
CA THR A 346 19.58 12.02 -27.18
C THR A 346 19.35 12.22 -28.66
N SER A 347 18.23 12.91 -28.92
CA SER A 347 17.71 13.20 -30.26
C SER A 347 18.39 14.41 -30.90
N LEU A 348 19.22 15.09 -30.14
CA LEU A 348 20.17 16.10 -30.63
C LEU A 348 21.29 15.45 -31.40
N GLY A 349 21.38 14.14 -31.25
CA GLY A 349 22.33 13.34 -31.99
C GLY A 349 23.72 13.49 -31.38
N PRO A 350 24.76 13.23 -32.20
CA PRO A 350 26.16 13.32 -31.77
C PRO A 350 26.40 14.63 -30.99
N LEU A 351 26.87 14.47 -29.75
CA LEU A 351 27.02 15.58 -28.80
C LEU A 351 28.28 15.35 -28.00
N GLU A 352 29.41 15.25 -28.69
CA GLU A 352 30.48 14.42 -28.15
C GLU A 352 31.65 15.09 -27.41
N ALA A 353 31.98 16.35 -27.70
CA ALA A 353 33.03 17.05 -26.92
C ALA A 353 32.48 17.65 -25.60
N LYS A 354 31.18 17.94 -25.59
CA LYS A 354 30.50 18.28 -24.35
C LYS A 354 30.44 17.03 -23.44
N ARG A 355 30.21 15.88 -24.06
CA ARG A 355 30.19 14.61 -23.36
C ARG A 355 31.51 14.29 -22.70
N GLN A 356 32.61 14.52 -23.40
N GLN A 356 32.58 14.44 -23.49
CA GLN A 356 33.89 14.18 -22.84
CA GLN A 356 33.96 14.30 -23.05
C GLN A 356 34.34 15.21 -21.81
C GLN A 356 34.24 15.18 -21.85
N ASN A 357 33.93 16.46 -21.99
CA ASN A 357 34.11 17.42 -20.97
C ASN A 357 33.25 17.13 -19.71
N LEU A 358 32.01 16.78 -19.91
CA LEU A 358 31.12 16.44 -18.78
C LEU A 358 31.68 15.25 -17.97
N ARG A 359 32.16 14.24 -18.68
CA ARG A 359 32.77 13.04 -18.04
C ARG A 359 33.98 13.37 -17.24
N ARG A 360 34.84 14.20 -17.85
CA ARG A 360 36.05 14.65 -17.22
C ARG A 360 35.71 15.38 -15.94
N ALA A 361 34.70 16.24 -16.04
CA ALA A 361 34.24 17.06 -14.93
C ALA A 361 33.64 16.20 -13.79
N LEU A 362 32.80 15.27 -14.18
CA LEU A 362 32.21 14.28 -13.25
C LEU A 362 33.27 13.43 -12.58
N ASP A 363 34.30 12.99 -13.32
CA ASP A 363 35.45 12.33 -12.69
C ASP A 363 36.06 13.15 -11.52
N GLN A 364 36.30 14.44 -11.74
CA GLN A 364 36.81 15.29 -10.66
C GLN A 364 35.81 15.54 -9.55
N TYR A 365 34.59 15.86 -9.92
CA TYR A 365 33.51 16.09 -8.98
C TYR A 365 33.29 14.95 -8.00
N LEU A 366 33.42 13.72 -8.46
CA LEU A 366 33.12 12.56 -7.62
C LEU A 366 34.32 12.11 -6.79
N MET A 367 35.52 12.39 -7.28
CA MET A 367 36.78 12.14 -6.56
C MET A 367 37.03 10.65 -6.28
N THR B 17 -41.98 -13.33 6.79
CA THR B 17 -42.40 -14.77 6.82
C THR B 17 -41.47 -15.61 7.70
N ILE B 18 -40.17 -15.47 7.50
CA ILE B 18 -39.19 -16.14 8.37
C ILE B 18 -39.02 -15.36 9.66
N GLN B 19 -39.14 -16.04 10.79
CA GLN B 19 -38.97 -15.40 12.09
C GLN B 19 -37.53 -15.53 12.56
N PRO B 20 -37.01 -14.46 13.18
CA PRO B 20 -35.69 -14.64 13.81
C PRO B 20 -35.75 -15.51 15.06
N LYS B 21 -34.65 -16.16 15.41
CA LYS B 21 -34.57 -16.81 16.70
C LYS B 21 -35.21 -15.93 17.78
N ALA B 22 -36.12 -16.50 18.58
CA ALA B 22 -36.73 -15.77 19.68
C ALA B 22 -35.68 -15.52 20.77
N ASN B 23 -35.51 -14.19 21.05
CA ASN B 23 -34.57 -13.72 22.07
C ASN B 23 -33.12 -13.81 21.58
N PHE B 24 -32.91 -13.43 20.33
CA PHE B 24 -31.59 -13.56 19.73
C PHE B 24 -30.54 -12.71 20.46
N ASP B 25 -29.46 -13.38 20.90
CA ASP B 25 -28.39 -12.78 21.69
C ASP B 25 -27.19 -12.51 20.77
N ALA B 26 -26.97 -11.23 20.43
CA ALA B 26 -25.85 -10.81 19.58
C ALA B 26 -24.48 -11.08 20.22
N GLN B 27 -24.45 -11.14 21.56
CA GLN B 27 -23.21 -11.29 22.31
C GLN B 27 -22.66 -12.71 22.16
N GLN B 28 -23.54 -13.70 22.26
CA GLN B 28 -23.16 -15.11 22.09
C GLN B 28 -22.99 -15.52 20.65
N PHE B 29 -23.56 -14.72 19.74
CA PHE B 29 -23.42 -14.95 18.31
C PHE B 29 -22.08 -14.39 17.81
N ALA B 30 -21.41 -13.64 18.68
CA ALA B 30 -20.14 -13.01 18.33
C ALA B 30 -19.08 -14.09 18.03
N GLY B 31 -18.06 -13.69 17.28
CA GLY B 31 -16.93 -14.56 17.01
C GLY B 31 -16.96 -15.04 15.57
N THR B 32 -16.35 -16.20 15.33
CA THR B 32 -16.02 -16.75 13.99
C THR B 32 -16.95 -17.88 13.60
N TRP B 33 -17.52 -17.73 12.43
CA TRP B 33 -18.38 -18.71 11.81
C TRP B 33 -17.81 -19.07 10.45
N LEU B 34 -17.90 -20.34 10.12
CA LEU B 34 -17.48 -20.93 8.86
C LEU B 34 -18.69 -21.12 7.98
N LEU B 35 -18.60 -20.66 6.76
CA LEU B 35 -19.68 -20.89 5.80
C LEU B 35 -19.64 -22.34 5.36
N VAL B 36 -20.77 -23.05 5.52
CA VAL B 36 -20.83 -24.44 5.15
C VAL B 36 -21.52 -24.62 3.80
N ALA B 37 -22.66 -23.96 3.64
CA ALA B 37 -23.51 -24.20 2.49
C ALA B 37 -24.42 -23.03 2.32
N VAL B 38 -24.86 -22.82 1.07
CA VAL B 38 -25.85 -21.81 0.74
C VAL B 38 -26.96 -22.44 -0.13
N GLY B 39 -28.22 -22.22 0.24
CA GLY B 39 -29.34 -22.61 -0.65
C GLY B 39 -29.77 -21.39 -1.43
N SER B 40 -29.87 -21.49 -2.75
CA SER B 40 -30.12 -20.27 -3.57
C SER B 40 -30.44 -20.47 -5.06
N ALA B 41 -31.37 -19.68 -5.57
CA ALA B 41 -31.61 -19.63 -7.01
C ALA B 41 -30.72 -18.57 -7.69
N CYS B 42 -29.61 -18.23 -7.05
CA CYS B 42 -28.60 -17.37 -7.61
C CYS B 42 -28.07 -17.92 -8.90
N ARG B 43 -28.15 -17.11 -9.97
CA ARG B 43 -27.61 -17.51 -11.28
C ARG B 43 -26.10 -17.79 -11.17
N PHE B 44 -25.40 -16.93 -10.43
CA PHE B 44 -23.95 -17.07 -10.22
C PHE B 44 -23.57 -18.49 -9.77
N LEU B 45 -24.23 -18.97 -8.70
CA LEU B 45 -23.86 -20.24 -8.07
C LEU B 45 -24.13 -21.50 -8.90
N GLN B 46 -25.02 -21.41 -9.90
CA GLN B 46 -25.38 -22.57 -10.74
C GLN B 46 -24.55 -22.73 -12.03
N GLU B 47 -23.81 -21.69 -12.44
CA GLU B 47 -22.97 -21.74 -13.64
C GLU B 47 -21.74 -22.62 -13.46
N ARG B 51 -16.19 -22.28 -9.04
CA ARG B 51 -15.20 -22.25 -7.93
C ARG B 51 -15.62 -21.45 -6.69
N ALA B 52 -16.07 -22.16 -5.68
CA ALA B 52 -16.38 -21.53 -4.41
C ALA B 52 -15.09 -21.37 -3.60
N GLU B 53 -15.07 -20.38 -2.70
CA GLU B 53 -13.94 -20.18 -1.82
C GLU B 53 -14.30 -20.37 -0.36
N ALA B 54 -13.36 -20.84 0.43
CA ALA B 54 -13.52 -20.97 1.88
C ALA B 54 -13.81 -19.61 2.45
N THR B 55 -14.89 -19.52 3.23
CA THR B 55 -15.42 -18.27 3.64
C THR B 55 -15.64 -18.31 5.14
N THR B 56 -15.19 -17.26 5.82
CA THR B 56 -15.32 -17.14 7.26
C THR B 56 -15.90 -15.82 7.58
N LEU B 57 -16.81 -15.83 8.56
CA LEU B 57 -17.49 -14.65 9.06
C LEU B 57 -16.92 -14.35 10.42
N HIS B 58 -16.64 -13.08 10.68
N HIS B 58 -16.50 -13.12 10.67
CA HIS B 58 -16.22 -12.59 11.99
CA HIS B 58 -16.28 -12.69 12.05
C HIS B 58 -17.22 -11.53 12.47
C HIS B 58 -17.27 -11.61 12.42
N VAL B 59 -17.92 -11.84 13.55
CA VAL B 59 -19.08 -11.08 14.00
C VAL B 59 -18.79 -10.43 15.35
N ALA B 60 -19.04 -9.13 15.44
CA ALA B 60 -19.05 -8.36 16.73
C ALA B 60 -20.33 -7.52 16.83
N PRO B 61 -21.05 -7.57 17.97
CA PRO B 61 -22.08 -6.55 18.14
C PRO B 61 -21.49 -5.15 18.26
N GLN B 62 -22.08 -4.20 17.53
CA GLN B 62 -21.70 -2.78 17.60
C GLN B 62 -23.00 -2.10 17.92
N GLY B 63 -23.18 -1.73 19.18
CA GLY B 63 -24.49 -1.31 19.67
C GLY B 63 -25.31 -2.57 19.89
N THR B 64 -25.91 -3.10 18.83
CA THR B 64 -26.79 -4.26 18.99
C THR B 64 -28.03 -4.13 18.11
N MET B 66 -24.81 -5.37 14.50
CA MET B 66 -23.65 -6.31 14.32
C MET B 66 -22.64 -5.96 13.21
N ALA B 67 -21.38 -5.81 13.60
CA ALA B 67 -20.26 -5.61 12.67
C ALA B 67 -19.76 -6.95 12.10
N VAL B 68 -19.70 -7.05 10.77
CA VAL B 68 -19.46 -8.33 10.09
C VAL B 68 -18.35 -8.28 9.02
N SER B 69 -17.23 -8.94 9.33
CA SER B 69 -16.12 -9.17 8.45
C SER B 69 -16.19 -10.55 7.83
N THR B 70 -16.15 -10.57 6.49
CA THR B 70 -16.06 -11.82 5.74
C THR B 70 -14.68 -11.88 5.21
N PHE B 71 -14.01 -13.01 5.41
CA PHE B 71 -12.72 -13.27 4.78
C PHE B 71 -12.87 -14.42 3.80
N ARG B 72 -12.26 -14.25 2.65
CA ARG B 72 -12.27 -15.22 1.54
C ARG B 72 -11.35 -14.75 0.43
N LYS B 73 -10.89 -15.66 -0.41
CA LYS B 73 -10.03 -15.35 -1.48
C LYS B 73 -10.81 -14.90 -2.72
N LEU B 74 -10.08 -14.22 -3.61
CA LEU B 74 -10.48 -13.96 -4.99
C LEU B 74 -9.19 -13.99 -5.81
N ASP B 75 -9.13 -14.93 -6.77
CA ASP B 75 -7.97 -15.20 -7.61
C ASP B 75 -6.71 -15.29 -6.78
N GLY B 76 -6.74 -16.14 -5.77
CA GLY B 76 -5.58 -16.49 -4.94
C GLY B 76 -5.16 -15.50 -3.88
N ILE B 77 -5.92 -14.42 -3.71
CA ILE B 77 -5.58 -13.38 -2.77
C ILE B 77 -6.67 -13.21 -1.72
N CYS B 78 -6.28 -13.15 -0.44
CA CYS B 78 -7.25 -12.98 0.66
C CYS B 78 -7.77 -11.55 0.75
N TRP B 79 -9.11 -11.45 0.80
CA TRP B 79 -9.84 -10.21 1.04
C TRP B 79 -10.62 -10.26 2.36
N GLN B 80 -10.67 -9.12 3.04
CA GLN B 80 -11.62 -8.87 4.12
C GLN B 80 -12.70 -7.90 3.67
N VAL B 81 -13.95 -8.33 3.72
CA VAL B 81 -15.06 -7.44 3.50
C VAL B 81 -15.58 -6.97 4.84
N ARG B 82 -15.74 -5.68 5.04
CA ARG B 82 -16.40 -5.21 6.26
C ARG B 82 -17.81 -4.77 5.93
N GLN B 83 -18.80 -5.25 6.69
CA GLN B 83 -20.17 -4.74 6.54
C GLN B 83 -20.81 -4.43 7.87
N LEU B 84 -21.98 -3.82 7.83
CA LEU B 84 -22.75 -3.71 9.04
C LEU B 84 -24.10 -4.38 8.84
N TYR B 85 -24.54 -5.10 9.86
CA TYR B 85 -25.83 -5.75 9.79
C TYR B 85 -26.89 -4.92 10.57
N ASP B 87 -29.55 -3.72 11.71
CA ASP B 87 -29.72 -2.86 12.89
C ASP B 87 -31.17 -2.44 13.14
N THR B 88 -32.10 -2.93 12.33
CA THR B 88 -33.53 -2.68 12.53
C THR B 88 -34.04 -3.43 13.75
N GLY B 89 -35.13 -2.93 14.33
CA GLY B 89 -35.50 -3.21 15.70
C GLY B 89 -36.34 -4.44 15.98
N VAL B 90 -35.98 -5.57 15.37
CA VAL B 90 -36.15 -6.88 15.99
C VAL B 90 -34.71 -7.32 16.32
N LEU B 91 -34.51 -8.59 16.67
CA LEU B 91 -33.19 -9.06 17.06
C LEU B 91 -32.42 -9.73 15.92
N GLY B 92 -32.89 -10.89 15.49
CA GLY B 92 -32.23 -11.63 14.39
C GLY B 92 -32.66 -11.14 13.03
N ARG B 93 -33.24 -9.94 12.96
CA ARG B 93 -33.55 -9.32 11.70
C ARG B 93 -32.60 -8.14 11.57
N PHE B 94 -31.82 -8.14 10.48
CA PHE B 94 -30.88 -7.05 10.18
C PHE B 94 -31.00 -6.47 8.78
N LEU B 95 -30.63 -5.19 8.71
CA LEU B 95 -30.58 -4.44 7.48
C LEU B 95 -29.12 -4.26 7.05
N LEU B 96 -28.86 -4.79 5.86
CA LEU B 96 -27.60 -4.63 5.17
C LEU B 96 -27.83 -3.66 4.02
N GLN B 97 -27.01 -2.60 3.98
CA GLN B 97 -26.90 -1.73 2.81
C GLN B 97 -25.51 -1.83 2.18
N ARG B 99 -22.80 -0.25 -0.76
CA ARG B 99 -23.97 -0.69 -1.54
C ARG B 99 -23.82 -0.42 -3.06
N ASP B 100 -23.79 0.86 -3.48
CA ASP B 100 -23.96 1.21 -4.91
C ASP B 100 -25.42 0.89 -5.23
N ALA B 101 -25.71 0.73 -6.55
CA ALA B 101 -27.11 0.56 -6.99
C ALA B 101 -27.61 -0.87 -6.82
N ARG B 102 -27.41 -1.41 -5.62
CA ARG B 102 -27.78 -2.75 -5.26
C ARG B 102 -29.13 -2.70 -4.53
N GLY B 103 -29.83 -3.82 -4.43
CA GLY B 103 -31.01 -3.89 -3.57
C GLY B 103 -30.56 -4.06 -2.13
N ALA B 104 -31.31 -3.47 -1.18
CA ALA B 104 -31.03 -3.68 0.23
C ALA B 104 -31.32 -5.14 0.58
N VAL B 105 -30.58 -5.65 1.54
CA VAL B 105 -30.71 -7.07 1.92
C VAL B 105 -31.12 -7.16 3.37
N HIS B 106 -32.11 -8.01 3.59
CA HIS B 106 -32.62 -8.29 4.91
C HIS B 106 -32.01 -9.61 5.32
N VAL B 107 -31.39 -9.62 6.49
CA VAL B 107 -30.78 -10.81 7.03
C VAL B 107 -31.52 -11.25 8.27
N VAL B 108 -31.92 -12.51 8.29
CA VAL B 108 -32.65 -13.07 9.45
C VAL B 108 -31.84 -14.25 10.03
N VAL B 109 -31.42 -14.13 11.29
CA VAL B 109 -30.79 -15.26 11.99
C VAL B 109 -31.89 -16.15 12.58
N ALA B 110 -32.38 -17.09 11.76
CA ALA B 110 -33.59 -17.86 12.06
C ALA B 110 -33.40 -18.90 13.16
N GLU B 111 -32.32 -19.66 13.07
CA GLU B 111 -32.06 -20.70 14.02
C GLU B 111 -30.58 -20.70 14.32
N THR B 112 -30.24 -20.71 15.61
CA THR B 112 -28.89 -21.00 16.05
C THR B 112 -28.83 -21.44 17.49
N ASP B 113 -27.79 -22.21 17.80
CA ASP B 113 -27.49 -22.56 19.16
C ASP B 113 -26.32 -21.76 19.69
N TYR B 114 -25.82 -20.81 18.90
CA TYR B 114 -24.69 -19.94 19.31
C TYR B 114 -23.34 -20.66 19.35
N GLN B 115 -23.34 -21.98 19.49
CA GLN B 115 -22.13 -22.72 19.84
C GLN B 115 -21.73 -23.79 18.82
N SER B 116 -22.57 -24.01 17.82
CA SER B 116 -22.20 -24.96 16.79
C SER B 116 -22.70 -24.65 15.39
N PHE B 117 -23.87 -24.03 15.28
CA PHE B 117 -24.42 -23.78 13.97
C PHE B 117 -25.33 -22.58 13.96
N ALA B 118 -25.67 -22.17 12.77
CA ALA B 118 -26.53 -21.03 12.55
C ALA B 118 -27.12 -21.08 11.16
N VAL B 119 -28.40 -20.78 11.08
CA VAL B 119 -29.08 -20.65 9.80
C VAL B 119 -29.58 -19.20 9.57
N LEU B 120 -28.98 -18.55 8.56
CA LEU B 120 -29.26 -17.17 8.21
C LEU B 120 -29.99 -17.10 6.89
N TYR B 121 -30.99 -16.24 6.84
CA TYR B 121 -31.71 -16.00 5.62
C TYR B 121 -31.35 -14.58 5.14
N LEU B 122 -31.03 -14.48 3.86
CA LEU B 122 -30.82 -13.19 3.17
C LEU B 122 -31.89 -13.03 2.11
N GLU B 123 -32.72 -11.99 2.21
CA GLU B 123 -33.77 -11.69 1.20
C GLU B 123 -33.59 -10.31 0.57
N ARG B 124 -33.13 -10.27 -0.68
CA ARG B 124 -33.17 -9.05 -1.51
C ARG B 124 -34.58 -8.68 -1.98
N ALA B 125 -35.09 -9.45 -2.94
CA ALA B 125 -36.25 -9.06 -3.75
C ALA B 125 -36.80 -10.30 -4.44
N GLY B 126 -37.96 -10.77 -4.00
CA GLY B 126 -38.46 -12.09 -4.37
C GLY B 126 -37.83 -13.19 -3.51
N LEU B 128 -33.70 -14.38 -2.46
CA LEU B 128 -33.55 -15.14 -1.20
C LEU B 128 -32.57 -16.34 -1.17
N SER B 129 -31.61 -16.29 -0.25
CA SER B 129 -30.69 -17.37 0.00
C SER B 129 -30.68 -17.78 1.47
N VAL B 130 -30.49 -19.06 1.72
CA VAL B 130 -30.38 -19.59 3.08
C VAL B 130 -28.98 -20.10 3.31
N LYS B 131 -28.33 -19.60 4.34
CA LYS B 131 -26.94 -19.96 4.58
C LYS B 131 -26.81 -20.76 5.85
N LEU B 132 -25.98 -21.79 5.79
CA LEU B 132 -25.62 -22.56 6.95
C LEU B 132 -24.18 -22.20 7.33
N TYR B 133 -24.00 -21.82 8.57
CA TYR B 133 -22.72 -21.58 9.15
C TYR B 133 -22.49 -22.55 10.28
N ALA B 134 -21.24 -22.85 10.58
CA ALA B 134 -20.90 -23.64 11.76
C ALA B 134 -19.71 -23.04 12.48
N ARG B 135 -19.53 -23.42 13.74
CA ARG B 135 -18.35 -23.02 14.52
C ARG B 135 -17.22 -23.93 14.21
N SER B 136 -17.53 -25.13 13.78
CA SER B 136 -16.50 -26.09 13.48
C SER B 136 -17.07 -27.06 12.49
N LEU B 137 -16.19 -27.81 11.86
CA LEU B 137 -16.58 -28.85 10.92
C LEU B 137 -16.01 -30.14 11.48
N PRO B 138 -16.71 -31.27 11.27
CA PRO B 138 -17.96 -31.44 10.51
C PRO B 138 -19.15 -30.92 11.28
N VAL B 139 -20.20 -30.64 10.54
CA VAL B 139 -21.53 -30.34 11.11
C VAL B 139 -22.19 -31.68 11.40
N SER B 140 -23.07 -31.73 12.41
CA SER B 140 -23.80 -32.97 12.74
C SER B 140 -24.85 -33.29 11.69
N ASP B 141 -25.25 -34.56 11.60
CA ASP B 141 -26.30 -35.02 10.65
C ASP B 141 -27.60 -34.24 10.83
N SER B 142 -27.92 -33.93 12.08
CA SER B 142 -29.18 -33.28 12.42
C SER B 142 -29.22 -31.79 12.09
N VAL B 143 -28.10 -31.10 12.28
CA VAL B 143 -28.01 -29.72 11.81
C VAL B 143 -28.15 -29.72 10.29
N LEU B 144 -27.54 -30.69 9.62
CA LEU B 144 -27.55 -30.71 8.16
C LEU B 144 -28.91 -31.03 7.57
N SER B 145 -29.62 -31.97 8.18
CA SER B 145 -30.93 -32.35 7.69
C SER B 145 -31.85 -31.17 7.84
N GLY B 146 -31.84 -30.58 9.04
CA GLY B 146 -32.66 -29.44 9.36
C GLY B 146 -32.49 -28.30 8.36
N PHE B 147 -31.25 -27.99 7.97
CA PHE B 147 -30.95 -27.00 6.90
C PHE B 147 -31.52 -27.39 5.52
N GLU B 148 -31.35 -28.63 5.11
CA GLU B 148 -31.90 -29.11 3.86
C GLU B 148 -33.42 -29.01 3.83
N GLN B 149 -34.04 -29.26 4.99
CA GLN B 149 -35.48 -29.10 5.17
C GLN B 149 -35.91 -27.64 4.98
N ARG B 150 -35.11 -26.70 5.47
CA ARG B 150 -35.44 -25.28 5.33
C ARG B 150 -35.31 -24.83 3.87
N VAL B 151 -34.27 -25.31 3.22
CA VAL B 151 -34.05 -25.05 1.81
C VAL B 151 -35.21 -25.56 0.99
N GLN B 152 -35.72 -26.75 1.29
CA GLN B 152 -36.86 -27.30 0.55
C GLN B 152 -38.10 -26.44 0.78
N GLU B 153 -38.18 -25.89 1.99
CA GLU B 153 -39.28 -25.01 2.41
C GLU B 153 -39.15 -23.56 1.94
N ALA B 154 -38.01 -23.22 1.37
CA ALA B 154 -37.86 -21.93 0.74
C ALA B 154 -38.06 -22.07 -0.76
N HIS B 155 -38.55 -23.26 -1.17
CA HIS B 155 -38.89 -23.57 -2.56
C HIS B 155 -37.67 -23.67 -3.44
N LEU B 156 -36.65 -24.24 -2.81
CA LEU B 156 -35.39 -24.50 -3.46
C LEU B 156 -35.19 -26.00 -3.44
N THR B 157 -34.51 -26.49 -4.47
CA THR B 157 -34.27 -27.92 -4.66
C THR B 157 -32.92 -28.26 -4.07
N GLU B 158 -32.63 -29.55 -3.91
CA GLU B 158 -31.31 -29.97 -3.42
C GLU B 158 -30.21 -29.60 -4.43
N ASP B 159 -30.57 -29.54 -5.72
CA ASP B 159 -29.68 -29.03 -6.79
C ASP B 159 -29.08 -27.68 -6.46
N GLN B 160 -29.91 -26.85 -5.84
CA GLN B 160 -29.58 -25.47 -5.54
C GLN B 160 -28.94 -25.28 -4.16
N ILE B 161 -28.40 -26.35 -3.57
CA ILE B 161 -27.58 -26.23 -2.36
C ILE B 161 -26.12 -26.39 -2.78
N PHE B 162 -25.31 -25.39 -2.42
CA PHE B 162 -23.91 -25.32 -2.81
C PHE B 162 -23.07 -25.36 -1.55
N TYR B 163 -22.17 -26.32 -1.49
CA TYR B 163 -21.34 -26.51 -0.31
C TYR B 163 -20.00 -25.85 -0.55
N PHE B 164 -19.53 -25.15 0.48
CA PHE B 164 -18.36 -24.38 0.41
C PHE B 164 -17.20 -25.17 0.93
N PRO B 165 -15.97 -24.77 0.57
CA PRO B 165 -14.81 -25.52 0.99
C PRO B 165 -14.52 -25.54 2.49
N LYS B 166 -13.83 -26.60 2.88
CA LYS B 166 -13.44 -26.88 4.29
C LYS B 166 -11.93 -26.63 4.57
N TYR B 167 -11.24 -26.05 3.61
CA TYR B 167 -9.84 -25.66 3.81
C TYR B 167 -9.55 -24.50 2.90
N GLY B 168 -8.47 -23.79 3.16
CA GLY B 168 -8.09 -22.66 2.36
C GLY B 168 -8.74 -21.38 2.82
N PHE B 169 -9.00 -21.30 4.11
CA PHE B 169 -9.56 -20.13 4.73
C PHE B 169 -8.54 -19.00 4.74
N CYS B 170 -9.03 -17.78 4.76
CA CYS B 170 -8.19 -16.60 4.85
C CYS B 170 -8.13 -16.22 6.34
N GLU B 171 -6.95 -16.33 6.91
CA GLU B 171 -6.71 -15.98 8.26
C GLU B 171 -6.54 -14.46 8.40
N ALA B 172 -6.18 -13.76 7.32
CA ALA B 172 -6.08 -12.32 7.36
C ALA B 172 -6.05 -11.75 5.93
N ALA B 173 -6.34 -10.47 5.81
CA ALA B 173 -6.23 -9.78 4.54
C ALA B 173 -5.41 -8.52 4.82
N ASP B 174 -4.53 -8.15 3.90
CA ASP B 174 -3.76 -6.96 4.20
C ASP B 174 -4.60 -5.74 3.86
N GLN B 175 -4.01 -4.59 4.05
CA GLN B 175 -4.75 -3.35 4.21
C GLN B 175 -5.20 -2.87 2.84
N PHE B 176 -4.54 -3.41 1.81
CA PHE B 176 -4.89 -3.16 0.43
C PHE B 176 -5.98 -4.06 -0.04
N HIS B 177 -6.40 -5.03 0.78
CA HIS B 177 -7.39 -6.05 0.36
C HIS B 177 -8.55 -6.10 1.37
N VAL B 178 -8.84 -4.94 1.96
CA VAL B 178 -10.04 -4.68 2.72
C VAL B 178 -11.05 -3.92 1.83
N LEU B 179 -12.18 -4.55 1.53
CA LEU B 179 -13.33 -3.88 0.94
C LEU B 179 -14.23 -3.43 2.11
N ASP B 180 -14.18 -2.13 2.40
CA ASP B 180 -14.83 -1.62 3.58
C ASP B 180 -16.11 -0.86 3.22
N GLU B 181 -17.27 -1.48 3.50
CA GLU B 181 -18.56 -0.87 3.17
C GLU B 181 -19.09 -0.06 4.34
N VAL B 182 -18.30 0.04 5.41
CA VAL B 182 -18.68 0.85 6.57
C VAL B 182 -18.06 2.27 6.50
#